data_4PUI
#
_entry.id   4PUI
#
_cell.length_a   95.833
_cell.length_b   31.634
_cell.length_c   68.631
_cell.angle_alpha   90.00
_cell.angle_beta   116.83
_cell.angle_gamma   90.00
#
_symmetry.space_group_name_H-M   'C 1 2 1'
#
loop_
_entity.id
_entity.type
_entity.pdbx_description
1 polymer 'SufE-like protein, chloroplastic'
2 water water
#
_entity_poly.entity_id   1
_entity_poly.type   'polypeptide(L)'
_entity_poly.pdbx_seq_one_letter_code
;MALGSRGMRIREKLEKELDPVELEVEDVSYQHAGHAAVRGSAGDDGETHFNLRIVSDAFQGKSLVKRHRLIYDLLQDELK
SGLHALSIVAKTPAEV
;
_entity_poly.pdbx_strand_id   A,B
#
# COMPACT_ATOMS: atom_id res chain seq x y z
N ALA A 2 15.57 -10.13 4.83
CA ALA A 2 14.73 -9.02 4.44
C ALA A 2 15.33 -7.68 4.86
N LEU A 3 14.74 -7.05 5.85
CA LEU A 3 15.17 -5.76 6.31
C LEU A 3 16.50 -5.85 7.07
N GLY A 4 17.27 -4.78 7.04
CA GLY A 4 18.48 -4.68 7.82
C GLY A 4 18.13 -4.30 9.25
N SER A 5 19.15 -4.04 10.05
CA SER A 5 18.93 -3.76 11.47
C SER A 5 18.05 -2.54 11.76
N ARG A 6 18.25 -1.44 11.04
CA ARG A 6 17.40 -0.26 11.24
C ARG A 6 15.95 -0.54 10.81
N GLY A 7 15.78 -1.17 9.65
CA GLY A 7 14.45 -1.52 9.18
C GLY A 7 13.69 -2.33 10.21
N MET A 8 14.37 -3.29 10.82
CA MET A 8 13.76 -4.14 11.85
C MET A 8 13.37 -3.31 13.08
N ARG A 9 14.25 -2.39 13.48
CA ARG A 9 13.92 -1.50 14.60
C ARG A 9 12.70 -0.62 14.30
N ILE A 10 12.63 -0.10 13.07
CA ILE A 10 11.51 0.74 12.66
C ILE A 10 10.21 -0.05 12.72
N ARG A 11 10.23 -1.26 12.16
CA ARG A 11 9.05 -2.11 12.18
C ARG A 11 8.63 -2.42 13.62
N GLU A 12 9.58 -2.75 14.48
CA GLU A 12 9.23 -3.11 15.86
C GLU A 12 8.67 -1.91 16.64
N LYS A 13 9.23 -0.73 16.41
CA LYS A 13 8.77 0.48 17.09
C LYS A 13 7.33 0.80 16.69
N LEU A 14 7.04 0.72 15.39
CA LEU A 14 5.70 1.03 14.93
C LEU A 14 4.69 -0.01 15.40
N GLU A 15 5.08 -1.28 15.39
CA GLU A 15 4.23 -2.36 15.90
C GLU A 15 3.92 -2.12 17.38
N LYS A 16 4.96 -1.80 18.15
CA LYS A 16 4.80 -1.63 19.59
C LYS A 16 3.91 -0.44 19.92
N GLU A 17 4.09 0.67 19.22
CA GLU A 17 3.38 1.90 19.58
C GLU A 17 2.03 2.07 18.89
N LEU A 18 1.89 1.54 17.68
CA LEU A 18 0.69 1.81 16.89
C LEU A 18 -0.23 0.59 16.69
N ASP A 19 0.23 -0.60 17.07
CA ASP A 19 -0.49 -1.86 16.84
C ASP A 19 -1.23 -1.88 15.48
N PRO A 20 -0.49 -1.63 14.38
CA PRO A 20 -1.18 -1.42 13.10
C PRO A 20 -1.82 -2.70 12.58
N VAL A 21 -3.00 -2.57 11.98
CA VAL A 21 -3.59 -3.73 11.31
C VAL A 21 -2.81 -4.11 10.05
N GLU A 22 -2.23 -3.10 9.39
CA GLU A 22 -1.40 -3.32 8.22
C GLU A 22 -0.15 -2.47 8.39
N LEU A 23 1.01 -3.07 8.13
CA LEU A 23 2.27 -2.35 8.22
C LEU A 23 3.25 -2.81 7.16
N GLU A 24 3.79 -1.86 6.39
CA GLU A 24 4.84 -2.17 5.44
C GLU A 24 6.00 -1.21 5.65
N VAL A 25 7.21 -1.76 5.75
CA VAL A 25 8.42 -0.97 5.93
C VAL A 25 9.34 -1.40 4.80
N GLU A 26 9.53 -0.51 3.83
CA GLU A 26 10.28 -0.86 2.63
C GLU A 26 11.55 -0.03 2.56
N ASP A 27 12.69 -0.71 2.51
CA ASP A 27 13.98 -0.04 2.39
C ASP A 27 14.18 0.35 0.93
N VAL A 28 14.20 1.65 0.65
CA VAL A 28 14.45 2.12 -0.71
C VAL A 28 15.75 2.94 -0.81
N SER A 29 16.69 2.66 0.08
CA SER A 29 17.97 3.34 0.06
C SER A 29 18.69 3.23 -1.28
N TYR A 30 18.50 2.10 -1.96
CA TYR A 30 19.11 1.88 -3.27
C TYR A 30 18.75 2.97 -4.29
N GLN A 31 17.60 3.64 -4.09
CA GLN A 31 17.13 4.68 -5.01
C GLN A 31 17.88 6.00 -4.84
N HIS A 32 18.66 6.09 -3.77
CA HIS A 32 19.34 7.33 -3.43
C HIS A 32 20.84 7.11 -3.31
N ALA A 33 21.27 5.87 -3.53
CA ALA A 33 22.66 5.50 -3.31
C ALA A 33 23.03 4.23 -4.08
N ASP A 44 25.21 -1.83 2.86
CA ASP A 44 24.05 -2.45 2.24
C ASP A 44 23.13 -1.37 1.68
N ASP A 45 23.75 -0.26 1.30
CA ASP A 45 23.11 1.02 0.88
C ASP A 45 22.88 2.01 2.01
N GLY A 46 23.02 1.57 3.26
CA GLY A 46 23.00 2.50 4.36
C GLY A 46 21.75 2.59 5.21
N GLU A 47 20.65 1.98 4.76
CA GLU A 47 19.36 2.12 5.43
C GLU A 47 19.04 3.59 5.67
N THR A 48 19.10 4.38 4.62
CA THR A 48 18.92 5.83 4.72
C THR A 48 17.52 6.26 4.33
N HIS A 49 16.82 5.43 3.53
CA HIS A 49 15.51 5.80 3.01
C HIS A 49 14.53 4.64 3.10
N PHE A 50 13.37 4.90 3.70
CA PHE A 50 12.32 3.88 3.76
C PHE A 50 10.98 4.46 3.31
N ASN A 51 10.17 3.60 2.71
CA ASN A 51 8.75 3.90 2.51
C ASN A 51 7.97 3.17 3.58
N LEU A 52 7.07 3.88 4.25
CA LEU A 52 6.21 3.29 5.28
C LEU A 52 4.74 3.37 4.86
N ARG A 53 4.02 2.26 4.99
CA ARG A 53 2.57 2.30 4.85
C ARG A 53 1.99 1.73 6.13
N ILE A 54 1.23 2.55 6.85
CA ILE A 54 0.72 2.17 8.17
C ILE A 54 -0.77 2.37 8.22
N VAL A 55 -1.50 1.32 8.56
CA VAL A 55 -2.93 1.43 8.82
C VAL A 55 -3.17 1.19 10.32
N SER A 56 -3.57 2.25 11.03
CA SER A 56 -3.71 2.15 12.49
C SER A 56 -4.86 3.00 12.98
N ASP A 57 -5.55 2.50 14.01
CA ASP A 57 -6.54 3.23 14.80
C ASP A 57 -6.01 4.56 15.31
N ALA A 58 -4.71 4.59 15.60
CA ALA A 58 -4.10 5.72 16.30
C ALA A 58 -4.16 7.02 15.50
N PHE A 59 -4.40 6.90 14.19
CA PHE A 59 -4.47 8.07 13.33
C PHE A 59 -5.85 8.73 13.27
N GLN A 60 -6.85 8.11 13.88
CA GLN A 60 -8.18 8.69 13.91
C GLN A 60 -8.18 10.11 14.45
N GLY A 61 -8.75 11.02 13.66
CA GLY A 61 -8.91 12.40 14.09
C GLY A 61 -7.70 13.27 13.80
N LYS A 62 -6.63 12.65 13.32
CA LYS A 62 -5.40 13.38 13.00
C LYS A 62 -5.27 13.77 11.53
N SER A 63 -4.94 15.03 11.28
CA SER A 63 -4.64 15.52 9.92
C SER A 63 -3.46 14.76 9.31
N LEU A 64 -3.33 14.85 7.99
CA LEU A 64 -2.24 14.19 7.30
C LEU A 64 -0.89 14.59 7.90
N VAL A 65 -0.70 15.88 8.11
CA VAL A 65 0.58 16.39 8.63
C VAL A 65 0.80 15.97 10.09
N LYS A 66 -0.29 15.92 10.88
CA LYS A 66 -0.14 15.41 12.24
C LYS A 66 0.29 13.95 12.28
N ARG A 67 -0.22 13.14 11.34
CA ARG A 67 0.14 11.72 11.26
C ARG A 67 1.60 11.61 10.91
N HIS A 68 2.03 12.43 9.95
CA HIS A 68 3.42 12.48 9.50
C HIS A 68 4.33 12.78 10.68
N ARG A 69 3.99 13.82 11.42
CA ARG A 69 4.84 14.29 12.51
C ARG A 69 4.87 13.30 13.67
N LEU A 70 3.76 12.59 13.87
CA LEU A 70 3.65 11.54 14.89
C LEU A 70 4.67 10.45 14.61
N ILE A 71 4.74 10.02 13.36
CA ILE A 71 5.66 8.98 12.95
C ILE A 71 7.11 9.46 13.07
N TYR A 72 7.36 10.69 12.65
CA TYR A 72 8.69 11.26 12.75
C TYR A 72 9.12 11.30 14.23
N ASP A 73 8.19 11.65 15.11
CA ASP A 73 8.50 11.70 16.54
C ASP A 73 8.87 10.32 17.09
N LEU A 74 8.12 9.30 16.68
CA LEU A 74 8.38 7.94 17.15
C LEU A 74 9.73 7.44 16.67
N LEU A 75 10.17 7.92 15.52
CA LEU A 75 11.38 7.41 14.90
C LEU A 75 12.53 8.39 14.96
N GLN A 76 12.43 9.39 15.83
CA GLN A 76 13.39 10.49 15.82
C GLN A 76 14.81 10.01 16.10
N ASP A 77 14.96 8.96 16.89
CA ASP A 77 16.32 8.52 17.23
C ASP A 77 17.03 7.96 16.00
N GLU A 78 16.27 7.37 15.08
CA GLU A 78 16.84 6.90 13.81
C GLU A 78 17.20 8.09 12.94
N LEU A 79 16.33 9.09 12.91
CA LEU A 79 16.55 10.27 12.10
C LEU A 79 17.79 11.04 12.54
N LYS A 80 18.13 10.92 13.82
CA LYS A 80 19.32 11.56 14.39
C LYS A 80 20.57 10.68 14.32
N SER A 81 20.53 9.60 13.55
CA SER A 81 21.68 8.69 13.51
C SER A 81 21.81 7.85 12.24
N GLY A 82 21.40 8.43 11.12
CA GLY A 82 21.67 7.79 9.84
C GLY A 82 20.49 7.67 8.92
N LEU A 83 19.27 7.73 9.48
CA LEU A 83 18.07 7.71 8.67
C LEU A 83 17.86 9.09 8.07
N HIS A 84 17.74 9.15 6.74
CA HIS A 84 17.64 10.43 6.06
C HIS A 84 16.21 10.83 5.76
N ALA A 85 15.43 9.91 5.23
CA ALA A 85 14.08 10.25 4.77
C ALA A 85 13.11 9.12 5.00
N LEU A 86 11.88 9.49 5.35
CA LEU A 86 10.78 8.54 5.40
C LEU A 86 9.66 9.02 4.50
N SER A 87 9.19 8.15 3.63
CA SER A 87 8.01 8.45 2.83
C SER A 87 6.80 7.76 3.46
N ILE A 88 5.87 8.55 3.98
CA ILE A 88 4.83 8.03 4.86
C ILE A 88 3.44 8.01 4.23
N VAL A 89 2.78 6.85 4.27
CA VAL A 89 1.35 6.77 3.98
C VAL A 89 0.74 6.27 5.28
N ALA A 90 -0.15 7.06 5.84
CA ALA A 90 -0.74 6.74 7.14
C ALA A 90 -2.25 6.85 7.04
N LYS A 91 -2.93 5.72 7.20
CA LYS A 91 -4.38 5.67 7.06
C LYS A 91 -5.02 5.01 8.26
N THR A 92 -6.29 5.30 8.47
CA THR A 92 -7.05 4.53 9.45
C THR A 92 -7.70 3.36 8.73
N PRO A 93 -8.13 2.33 9.48
CA PRO A 93 -8.82 1.23 8.79
C PRO A 93 -10.03 1.72 7.99
N ALA A 94 -10.71 2.75 8.49
CA ALA A 94 -11.91 3.26 7.81
C ALA A 94 -11.62 3.90 6.47
N GLU A 95 -10.35 4.25 6.25
CA GLU A 95 -9.94 4.99 5.05
C GLU A 95 -9.43 4.12 3.90
N VAL A 96 -9.25 2.84 4.12
CA VAL A 96 -8.66 2.01 3.08
C VAL A 96 -9.73 1.50 2.12
N ALA B 2 -17.19 7.46 -1.20
CA ALA B 2 -16.51 6.17 -1.21
C ALA B 2 -16.29 5.68 -2.64
N LEU B 3 -16.30 4.36 -2.80
CA LEU B 3 -16.15 3.75 -4.11
C LEU B 3 -17.47 3.78 -4.84
N GLY B 4 -17.42 3.86 -6.16
CA GLY B 4 -18.60 3.73 -6.97
C GLY B 4 -19.00 2.28 -7.19
N SER B 5 -19.97 2.05 -8.05
CA SER B 5 -20.45 0.70 -8.30
C SER B 5 -19.37 -0.24 -8.85
N ARG B 6 -18.57 0.22 -9.81
CA ARG B 6 -17.50 -0.63 -10.34
C ARG B 6 -16.46 -0.90 -9.26
N GLY B 7 -16.09 0.14 -8.53
CA GLY B 7 -15.15 0.02 -7.42
C GLY B 7 -15.53 -1.06 -6.43
N MET B 8 -16.80 -1.06 -6.01
N MET B 8 -16.80 -1.05 -6.02
CA MET B 8 -17.27 -2.08 -5.09
CA MET B 8 -17.31 -2.07 -5.10
C MET B 8 -17.26 -3.46 -5.74
C MET B 8 -17.26 -3.45 -5.75
N ARG B 9 -17.56 -3.53 -7.04
CA ARG B 9 -17.51 -4.81 -7.76
C ARG B 9 -16.10 -5.35 -7.85
N ILE B 10 -15.14 -4.46 -8.13
CA ILE B 10 -13.73 -4.82 -8.14
C ILE B 10 -13.29 -5.36 -6.78
N ARG B 11 -13.60 -4.63 -5.71
CA ARG B 11 -13.22 -5.08 -4.38
C ARG B 11 -13.83 -6.44 -4.06
N GLU B 12 -15.13 -6.60 -4.33
CA GLU B 12 -15.79 -7.86 -4.05
C GLU B 12 -15.23 -9.03 -4.86
N LYS B 13 -14.95 -8.79 -6.14
CA LYS B 13 -14.34 -9.81 -7.00
C LYS B 13 -12.97 -10.28 -6.49
N LEU B 14 -12.10 -9.33 -6.17
CA LEU B 14 -10.75 -9.65 -5.68
C LEU B 14 -10.83 -10.36 -4.34
N GLU B 15 -11.72 -9.90 -3.47
CA GLU B 15 -11.91 -10.52 -2.16
C GLU B 15 -12.26 -11.99 -2.30
N LYS B 16 -13.30 -12.25 -3.10
CA LYS B 16 -13.83 -13.60 -3.21
C LYS B 16 -12.88 -14.55 -3.91
N GLU B 17 -12.15 -14.05 -4.91
CA GLU B 17 -11.29 -14.92 -5.70
C GLU B 17 -9.92 -15.15 -5.06
N LEU B 18 -9.41 -14.14 -4.36
CA LEU B 18 -8.02 -14.18 -3.87
C LEU B 18 -7.87 -14.31 -2.36
N ASP B 19 -8.98 -14.17 -1.61
CA ASP B 19 -8.97 -13.99 -0.16
C ASP B 19 -7.72 -13.28 0.34
N PRO B 20 -7.51 -12.04 -0.13
CA PRO B 20 -6.30 -11.29 0.23
C PRO B 20 -6.31 -10.95 1.71
N VAL B 21 -5.12 -10.88 2.32
CA VAL B 21 -5.06 -10.45 3.70
C VAL B 21 -5.12 -8.92 3.76
N GLU B 22 -4.70 -8.26 2.69
CA GLU B 22 -4.80 -6.81 2.59
C GLU B 22 -5.27 -6.44 1.19
N LEU B 23 -6.18 -5.48 1.11
CA LEU B 23 -6.76 -5.08 -0.17
C LEU B 23 -7.16 -3.61 -0.15
N GLU B 24 -6.65 -2.83 -1.10
CA GLU B 24 -7.06 -1.44 -1.18
C GLU B 24 -7.41 -1.19 -2.63
N VAL B 25 -8.57 -0.59 -2.84
CA VAL B 25 -9.05 -0.22 -4.15
C VAL B 25 -9.33 1.27 -4.15
N GLU B 26 -8.61 2.02 -4.97
CA GLU B 26 -8.70 3.48 -4.98
C GLU B 26 -9.12 3.96 -6.37
N ASP B 27 -10.22 4.71 -6.44
CA ASP B 27 -10.65 5.29 -7.70
C ASP B 27 -9.85 6.56 -7.96
N VAL B 28 -9.02 6.56 -9.00
CA VAL B 28 -8.26 7.75 -9.36
C VAL B 28 -8.65 8.28 -10.76
N SER B 29 -9.89 8.04 -11.15
CA SER B 29 -10.38 8.52 -12.44
C SER B 29 -10.25 10.03 -12.55
N TYR B 30 -10.50 10.73 -11.44
CA TYR B 30 -10.44 12.19 -11.42
C TYR B 30 -9.05 12.72 -11.79
N GLN B 31 -8.03 11.87 -11.62
CA GLN B 31 -6.64 12.21 -11.96
C GLN B 31 -6.38 12.14 -13.48
N HIS B 32 -7.38 11.69 -14.24
CA HIS B 32 -7.22 11.45 -15.67
C HIS B 32 -8.19 12.23 -16.55
N ALA B 33 -8.72 13.33 -16.02
CA ALA B 33 -9.72 14.13 -16.75
C ALA B 33 -9.17 14.74 -18.05
N GLY B 34 -10.01 14.76 -19.09
CA GLY B 34 -9.66 15.41 -20.33
C GLY B 34 -9.23 14.49 -21.47
N HIS B 35 -9.13 13.20 -21.20
CA HIS B 35 -8.63 12.26 -22.21
C HIS B 35 -9.65 11.97 -23.31
N ASP B 45 -15.93 9.21 -18.96
CA ASP B 45 -16.72 8.28 -18.14
C ASP B 45 -16.15 8.20 -16.74
N GLY B 46 -16.93 7.67 -15.81
CA GLY B 46 -16.48 7.49 -14.45
C GLY B 46 -15.91 6.10 -14.29
N GLU B 47 -15.19 5.92 -13.18
CA GLU B 47 -14.66 4.62 -12.79
C GLU B 47 -13.83 3.98 -13.90
N THR B 48 -12.91 4.76 -14.47
CA THR B 48 -12.08 4.30 -15.58
C THR B 48 -10.67 3.89 -15.13
N HIS B 49 -10.20 4.45 -14.01
CA HIS B 49 -8.83 4.23 -13.54
C HIS B 49 -8.80 3.94 -12.05
N PHE B 50 -8.24 2.79 -11.68
CA PHE B 50 -8.09 2.45 -10.27
C PHE B 50 -6.67 2.08 -9.92
N ASN B 51 -6.29 2.37 -8.68
CA ASN B 51 -5.07 1.82 -8.09
C ASN B 51 -5.45 0.64 -7.22
N LEU B 52 -4.75 -0.48 -7.35
CA LEU B 52 -5.01 -1.64 -6.52
C LEU B 52 -3.77 -2.03 -5.74
N ARG B 53 -3.91 -2.23 -4.42
CA ARG B 53 -2.85 -2.84 -3.62
C ARG B 53 -3.39 -4.12 -3.02
N ILE B 54 -2.78 -5.24 -3.39
CA ILE B 54 -3.31 -6.53 -3.01
C ILE B 54 -2.23 -7.36 -2.37
N VAL B 55 -2.47 -7.85 -1.16
CA VAL B 55 -1.52 -8.74 -0.51
C VAL B 55 -2.19 -10.10 -0.39
N SER B 56 -1.64 -11.10 -1.08
CA SER B 56 -2.26 -12.42 -1.15
C SER B 56 -1.24 -13.50 -1.48
N ASP B 57 -1.42 -14.67 -0.88
CA ASP B 57 -0.56 -15.81 -1.18
C ASP B 57 -0.84 -16.38 -2.56
N ALA B 58 -2.01 -16.06 -3.11
CA ALA B 58 -2.34 -16.48 -4.47
C ALA B 58 -1.26 -16.03 -5.47
N PHE B 59 -0.44 -15.06 -5.05
CA PHE B 59 0.65 -14.56 -5.89
C PHE B 59 1.93 -15.35 -5.71
N GLN B 60 1.91 -16.37 -4.84
CA GLN B 60 3.11 -17.16 -4.56
C GLN B 60 3.73 -17.72 -5.85
N GLY B 61 4.99 -17.38 -6.10
CA GLY B 61 5.73 -17.97 -7.20
C GLY B 61 5.59 -17.34 -8.57
N LYS B 62 4.84 -16.25 -8.66
CA LYS B 62 4.62 -15.61 -9.95
C LYS B 62 5.45 -14.35 -10.09
N SER B 63 5.89 -14.08 -11.31
CA SER B 63 6.54 -12.82 -11.65
C SER B 63 5.53 -11.69 -11.53
N LEU B 64 6.03 -10.46 -11.55
CA LEU B 64 5.18 -9.29 -11.61
C LEU B 64 4.14 -9.48 -12.73
N VAL B 65 4.61 -9.83 -13.92
CA VAL B 65 3.74 -9.98 -15.08
C VAL B 65 2.61 -11.00 -14.89
N LYS B 66 2.92 -12.18 -14.34
CA LYS B 66 1.89 -13.18 -14.11
C LYS B 66 0.90 -12.74 -13.05
N ARG B 67 1.40 -12.04 -12.04
CA ARG B 67 0.54 -11.50 -11.00
C ARG B 67 -0.45 -10.51 -11.58
N HIS B 68 0.04 -9.58 -12.40
CA HIS B 68 -0.85 -8.60 -13.02
C HIS B 68 -1.83 -9.26 -13.97
N ARG B 69 -1.36 -10.22 -14.75
CA ARG B 69 -2.21 -10.93 -15.70
C ARG B 69 -3.34 -11.69 -14.99
N LEU B 70 -3.04 -12.25 -13.82
CA LEU B 70 -4.05 -12.90 -13.01
C LEU B 70 -5.18 -11.92 -12.67
N ILE B 71 -4.81 -10.71 -12.26
CA ILE B 71 -5.78 -9.67 -11.92
C ILE B 71 -6.55 -9.17 -13.17
N TYR B 72 -5.84 -8.91 -14.27
CA TYR B 72 -6.54 -8.50 -15.50
C TYR B 72 -7.53 -9.55 -15.96
N ASP B 73 -7.21 -10.82 -15.75
CA ASP B 73 -8.13 -11.89 -16.14
C ASP B 73 -9.39 -11.87 -15.28
N LEU B 74 -9.22 -11.79 -13.96
CA LEU B 74 -10.36 -11.69 -13.05
C LEU B 74 -11.26 -10.51 -13.38
N LEU B 75 -10.66 -9.41 -13.83
CA LEU B 75 -11.41 -8.19 -14.08
C LEU B 75 -11.72 -7.97 -15.55
N GLN B 76 -11.69 -9.03 -16.33
CA GLN B 76 -11.91 -8.95 -17.77
C GLN B 76 -13.23 -8.29 -18.15
N ASP B 77 -14.29 -8.58 -17.39
CA ASP B 77 -15.61 -8.03 -17.72
C ASP B 77 -15.62 -6.52 -17.51
N GLU B 78 -14.91 -6.04 -16.49
CA GLU B 78 -14.81 -4.61 -16.25
C GLU B 78 -13.99 -3.93 -17.34
N LEU B 79 -12.89 -4.57 -17.72
CA LEU B 79 -12.01 -4.03 -18.77
C LEU B 79 -12.69 -3.96 -20.13
N LYS B 80 -13.77 -4.71 -20.29
CA LYS B 80 -14.53 -4.74 -21.52
C LYS B 80 -15.64 -3.71 -21.53
N SER B 81 -16.00 -3.19 -20.36
CA SER B 81 -17.21 -2.39 -20.24
C SER B 81 -17.00 -1.03 -19.56
N GLY B 82 -15.78 -0.51 -19.60
CA GLY B 82 -15.59 0.84 -19.11
C GLY B 82 -14.40 1.09 -18.23
N LEU B 83 -13.81 0.03 -17.68
CA LEU B 83 -12.55 0.17 -16.95
C LEU B 83 -11.43 0.32 -17.98
N HIS B 84 -10.68 1.40 -17.85
CA HIS B 84 -9.60 1.68 -18.81
C HIS B 84 -8.27 1.12 -18.38
N ALA B 85 -7.93 1.32 -17.12
CA ALA B 85 -6.60 0.94 -16.66
C ALA B 85 -6.50 0.72 -15.17
N LEU B 86 -5.50 -0.07 -14.79
CA LEU B 86 -5.23 -0.37 -13.39
C LEU B 86 -3.76 -0.12 -13.12
N SER B 87 -3.48 0.47 -11.96
CA SER B 87 -2.14 0.49 -11.41
C SER B 87 -2.13 -0.53 -10.28
N ILE B 88 -1.24 -1.50 -10.36
CA ILE B 88 -1.31 -2.64 -9.47
C ILE B 88 -0.05 -2.80 -8.62
N VAL B 89 -0.25 -2.96 -7.32
CA VAL B 89 0.79 -3.46 -6.44
C VAL B 89 0.32 -4.81 -5.91
N ALA B 90 1.00 -5.87 -6.34
CA ALA B 90 0.63 -7.22 -5.93
C ALA B 90 1.74 -7.86 -5.14
N LYS B 91 1.49 -8.15 -3.87
CA LYS B 91 2.50 -8.75 -3.01
C LYS B 91 2.03 -10.01 -2.30
N THR B 92 2.97 -10.86 -1.91
CA THR B 92 2.69 -11.94 -0.98
C THR B 92 2.90 -11.37 0.42
N PRO B 93 2.32 -12.01 1.44
CA PRO B 93 2.53 -11.52 2.81
C PRO B 93 4.00 -11.47 3.20
N ALA B 94 4.79 -12.43 2.74
CA ALA B 94 6.20 -12.49 3.09
C ALA B 94 7.00 -11.36 2.46
N GLU B 95 6.41 -10.72 1.46
CA GLU B 95 7.08 -9.64 0.72
C GLU B 95 6.93 -8.24 1.35
N VAL B 96 5.96 -8.05 2.24
CA VAL B 96 5.84 -6.76 2.92
C VAL B 96 6.61 -6.77 4.23
#